data_3DA8
#
_entry.id   3DA8
#
_cell.length_a   73.273
_cell.length_b   73.366
_cell.length_c   77.246
_cell.angle_alpha   90.00
_cell.angle_beta   90.00
_cell.angle_gamma   90.00
#
_symmetry.space_group_name_H-M   'P 21 21 21'
#
loop_
_entity.id
_entity.type
_entity.pdbx_description
1 polymer "Probable 5'-phosphoribosylglycinamide formyltransferase purN"
2 non-polymer 'MAGNESIUM ION'
3 non-polymer 'IODIDE ION'
4 non-polymer BETA-MERCAPTOETHANOL
5 water water
#
_entity_poly.entity_id   1
_entity_poly.type   'polypeptide(L)'
_entity_poly.pdbx_seq_one_letter_code
;VQEPLRVPPSAPARLVVLASGTGSLLRSLLDAAVGDYPARVVAVGVDRECRAAEIAAEASVPVFTVRLADHPSRDAWDVA
ITAATAAHEPDLVVSAGFMRILGPQFLSRFYGRTLNTHPALLPAFPGTHGVADALAYGVKVTGATVHLVDAGTDTGPILA
QQPVPVLDGDDEETLHERIKVTERRLLVAAVAALATHGVTVVGRTATMGRKVTIG
;
_entity_poly.pdbx_strand_id   A,B
#
loop_
_chem_comp.id
_chem_comp.type
_chem_comp.name
_chem_comp.formula
BME non-polymer BETA-MERCAPTOETHANOL 'C2 H6 O S'
IOD non-polymer 'IODIDE ION' 'I -1'
MG non-polymer 'MAGNESIUM ION' 'Mg 2'
#
# COMPACT_ATOMS: atom_id res chain seq x y z
N GLU A 3 4.30 -3.31 37.67
CA GLU A 3 4.40 -4.39 36.64
C GLU A 3 4.19 -3.80 35.25
N PRO A 4 5.21 -3.94 34.37
CA PRO A 4 5.05 -3.47 32.99
C PRO A 4 4.00 -4.30 32.26
N LEU A 5 3.21 -3.64 31.42
CA LEU A 5 2.30 -4.37 30.56
C LEU A 5 3.08 -4.78 29.33
N ARG A 6 3.04 -6.07 29.01
CA ARG A 6 3.76 -6.62 27.87
C ARG A 6 2.76 -7.27 26.93
N VAL A 7 2.68 -6.73 25.72
CA VAL A 7 1.86 -7.31 24.67
C VAL A 7 2.81 -7.99 23.70
N PRO A 8 2.77 -9.33 23.61
CA PRO A 8 3.73 -10.02 22.74
C PRO A 8 3.41 -9.83 21.25
N PRO A 9 4.40 -10.13 20.39
CA PRO A 9 4.16 -10.20 18.94
C PRO A 9 2.98 -11.14 18.63
N SER A 10 2.25 -10.82 17.57
CA SER A 10 1.08 -11.59 17.19
C SER A 10 1.03 -11.90 15.69
N ALA A 11 2.04 -11.46 14.93
CA ALA A 11 2.03 -11.71 13.49
C ALA A 11 2.00 -13.21 13.21
N PRO A 12 1.12 -13.68 12.29
CA PRO A 12 0.05 -13.01 11.54
C PRO A 12 -1.16 -12.65 12.41
N ALA A 13 -1.40 -11.36 12.57
CA ALA A 13 -2.34 -10.86 13.57
C ALA A 13 -3.76 -10.68 13.05
N ARG A 14 -4.72 -10.89 13.94
CA ARG A 14 -6.13 -10.70 13.61
C ARG A 14 -6.57 -9.34 14.14
N LEU A 15 -7.07 -8.50 13.25
CA LEU A 15 -7.47 -7.14 13.61
C LEU A 15 -8.97 -6.95 13.50
N VAL A 16 -9.56 -6.39 14.55
CA VAL A 16 -10.94 -5.95 14.49
C VAL A 16 -10.97 -4.42 14.42
N VAL A 17 -11.78 -3.88 13.53
CA VAL A 17 -11.95 -2.43 13.42
C VAL A 17 -13.33 -2.06 13.93
N LEU A 18 -13.42 -1.13 14.88
CA LEU A 18 -14.70 -0.60 15.35
C LEU A 18 -14.92 0.75 14.69
N ALA A 19 -16.09 0.96 14.07
CA ALA A 19 -16.32 2.13 13.23
C ALA A 19 -17.77 2.60 13.35
N SER A 20 -17.98 3.89 13.12
CA SER A 20 -19.30 4.52 13.15
C SER A 20 -19.57 5.47 12.00
N GLY A 21 -18.60 5.66 11.12
CA GLY A 21 -18.63 6.76 10.16
C GLY A 21 -18.28 6.35 8.76
N THR A 22 -17.51 7.21 8.10
CA THR A 22 -17.27 7.08 6.66
C THR A 22 -16.24 6.01 6.30
N GLY A 23 -15.51 5.51 7.29
CA GLY A 23 -14.61 4.39 7.08
C GLY A 23 -13.35 4.68 6.30
N SER A 24 -12.88 5.93 6.31
CA SER A 24 -11.64 6.27 5.58
C SER A 24 -10.43 5.47 6.11
N LEU A 25 -10.32 5.35 7.43
CA LEU A 25 -9.22 4.58 8.00
C LEU A 25 -9.35 3.09 7.68
N LEU A 26 -10.58 2.56 7.77
CA LEU A 26 -10.82 1.18 7.36
C LEU A 26 -10.35 0.91 5.93
N ARG A 27 -10.64 1.83 5.01
CA ARG A 27 -10.18 1.66 3.64
C ARG A 27 -8.65 1.54 3.58
N SER A 28 -7.94 2.40 4.30
CA SER A 28 -6.48 2.34 4.32
C SER A 28 -5.99 1.02 4.90
N LEU A 29 -6.61 0.53 5.95
CA LEU A 29 -6.22 -0.76 6.52
C LEU A 29 -6.47 -1.91 5.56
N LEU A 30 -7.63 -1.91 4.91
CA LEU A 30 -7.97 -2.96 3.94
C LEU A 30 -7.00 -2.95 2.76
N ASP A 31 -6.63 -1.75 2.30
CA ASP A 31 -5.67 -1.61 1.21
C ASP A 31 -4.29 -2.14 1.62
N ALA A 32 -3.90 -1.89 2.87
CA ALA A 32 -2.57 -2.26 3.34
C ALA A 32 -2.44 -3.74 3.66
N ALA A 33 -3.53 -4.34 4.12
CA ALA A 33 -3.49 -5.69 4.67
C ALA A 33 -3.54 -6.72 3.53
N VAL A 34 -2.47 -6.71 2.75
CA VAL A 34 -2.28 -7.63 1.62
C VAL A 34 -0.84 -8.12 1.68
N GLY A 35 -0.56 -9.21 0.96
CA GLY A 35 0.79 -9.75 0.90
C GLY A 35 1.42 -9.97 2.26
N ASP A 36 2.60 -9.38 2.43
CA ASP A 36 3.43 -9.58 3.62
C ASP A 36 3.01 -8.77 4.84
N TYR A 37 2.02 -7.91 4.68
CA TYR A 37 1.56 -7.12 5.81
C TYR A 37 1.17 -8.10 6.95
N PRO A 38 1.63 -7.84 8.19
CA PRO A 38 1.54 -8.87 9.24
C PRO A 38 0.21 -8.95 9.99
N ALA A 39 -0.86 -8.45 9.38
CA ALA A 39 -2.19 -8.53 9.99
C ALA A 39 -3.23 -8.59 8.90
N ARG A 40 -4.43 -9.02 9.28
CA ARG A 40 -5.61 -8.99 8.40
C ARG A 40 -6.79 -8.46 9.19
N VAL A 41 -7.67 -7.72 8.53
CA VAL A 41 -8.93 -7.29 9.15
C VAL A 41 -9.89 -8.47 9.12
N VAL A 42 -10.23 -8.98 10.29
CA VAL A 42 -11.09 -10.18 10.36
C VAL A 42 -12.55 -9.83 10.56
N ALA A 43 -12.84 -8.62 11.06
CA ALA A 43 -14.21 -8.21 11.31
C ALA A 43 -14.26 -6.71 11.52
N VAL A 44 -15.42 -6.15 11.25
CA VAL A 44 -15.70 -4.75 11.53
C VAL A 44 -16.94 -4.69 12.40
N GLY A 45 -16.83 -3.98 13.52
CA GLY A 45 -17.96 -3.77 14.43
C GLY A 45 -18.44 -2.34 14.33
N VAL A 46 -19.77 -2.17 14.24
CA VAL A 46 -20.39 -0.86 14.17
C VAL A 46 -21.51 -0.73 15.19
N ASP A 47 -21.90 0.51 15.49
CA ASP A 47 -23.03 0.75 16.38
C ASP A 47 -24.22 1.39 15.67
N ARG A 48 -24.15 1.47 14.34
CA ARG A 48 -25.15 2.15 13.54
C ARG A 48 -24.89 1.82 12.08
N GLU A 49 -25.87 2.12 11.22
CA GLU A 49 -25.64 2.02 9.79
C GLU A 49 -24.68 3.13 9.39
N CYS A 50 -23.69 2.78 8.58
CA CYS A 50 -22.63 3.71 8.19
C CYS A 50 -21.88 3.19 6.99
N ARG A 51 -21.14 4.08 6.33
CA ARG A 51 -20.37 3.73 5.15
C ARG A 51 -19.29 2.68 5.48
N ALA A 52 -18.71 2.77 6.67
CA ALA A 52 -17.73 1.77 7.07
C ALA A 52 -18.27 0.34 6.99
N ALA A 53 -19.50 0.12 7.45
CA ALA A 53 -20.14 -1.19 7.37
C ALA A 53 -20.28 -1.65 5.91
N GLU A 54 -20.63 -0.71 5.03
CA GLU A 54 -20.78 -1.01 3.62
C GLU A 54 -19.44 -1.35 3.00
N ILE A 55 -18.42 -0.58 3.35
CA ILE A 55 -17.06 -0.86 2.89
C ILE A 55 -16.56 -2.25 3.29
N ALA A 56 -16.77 -2.64 4.56
CA ALA A 56 -16.37 -3.96 5.03
C ALA A 56 -17.04 -5.09 4.23
N ALA A 57 -18.35 -4.96 4.05
CA ALA A 57 -19.14 -5.97 3.32
C ALA A 57 -18.66 -6.08 1.88
N GLU A 58 -18.38 -4.93 1.26
CA GLU A 58 -17.87 -4.86 -0.11
C GLU A 58 -16.54 -5.63 -0.24
N ALA A 59 -15.79 -5.70 0.88
CA ALA A 59 -14.52 -6.43 0.95
C ALA A 59 -14.62 -7.86 1.53
N SER A 60 -15.84 -8.37 1.68
CA SER A 60 -16.10 -9.71 2.25
C SER A 60 -15.61 -9.90 3.68
N VAL A 61 -15.66 -8.82 4.45
CA VAL A 61 -15.31 -8.87 5.87
C VAL A 61 -16.61 -8.88 6.66
N PRO A 62 -16.75 -9.83 7.64
CA PRO A 62 -17.99 -9.82 8.42
C PRO A 62 -18.16 -8.54 9.21
N VAL A 63 -19.40 -8.10 9.32
CA VAL A 63 -19.78 -6.92 10.08
C VAL A 63 -20.69 -7.32 11.20
N PHE A 64 -20.37 -6.86 12.41
CA PHE A 64 -21.26 -7.05 13.54
C PHE A 64 -21.75 -5.72 14.03
N THR A 65 -22.95 -5.70 14.59
CA THR A 65 -23.61 -4.48 14.99
C THR A 65 -24.05 -4.60 16.43
N VAL A 66 -23.61 -3.67 17.27
CA VAL A 66 -24.06 -3.66 18.68
C VAL A 66 -24.53 -2.24 18.99
N ARG A 67 -25.84 -2.05 18.97
CA ARG A 67 -26.46 -0.73 19.15
C ARG A 67 -26.77 -0.46 20.61
N LEU A 68 -26.48 0.76 21.06
CA LEU A 68 -26.81 1.16 22.43
C LEU A 68 -28.27 0.91 22.77
N ALA A 69 -29.18 1.24 21.85
CA ALA A 69 -30.61 1.18 22.08
C ALA A 69 -31.16 -0.23 22.29
N ASP A 70 -30.40 -1.22 21.86
CA ASP A 70 -30.83 -2.61 21.91
C ASP A 70 -30.54 -3.27 23.26
N HIS A 71 -30.04 -2.49 24.21
CA HIS A 71 -29.67 -2.99 25.51
C HIS A 71 -30.29 -2.10 26.60
N PRO A 72 -30.52 -2.66 27.79
CA PRO A 72 -31.21 -1.88 28.84
C PRO A 72 -30.35 -0.85 29.57
N SER A 73 -29.03 -0.91 29.41
CA SER A 73 -28.10 -0.03 30.13
C SER A 73 -26.80 0.07 29.33
N ARG A 74 -25.97 1.05 29.68
CA ARG A 74 -24.64 1.17 29.10
C ARG A 74 -23.77 -0.04 29.45
N ASP A 75 -23.87 -0.52 30.69
CA ASP A 75 -23.09 -1.69 31.11
C ASP A 75 -23.47 -2.93 30.28
N ALA A 76 -24.76 -3.12 30.02
CA ALA A 76 -25.21 -4.23 29.19
C ALA A 76 -24.64 -4.14 27.78
N TRP A 77 -24.63 -2.93 27.21
CA TRP A 77 -24.03 -2.71 25.91
C TRP A 77 -22.51 -3.03 25.94
N ASP A 78 -21.83 -2.61 27.00
CA ASP A 78 -20.39 -2.83 27.17
C ASP A 78 -20.11 -4.35 27.16
N VAL A 79 -20.90 -5.12 27.92
CA VAL A 79 -20.75 -6.57 27.92
C VAL A 79 -20.96 -7.15 26.51
N ALA A 80 -21.98 -6.67 25.79
CA ALA A 80 -22.28 -7.18 24.46
C ALA A 80 -21.18 -6.88 23.45
N ILE A 81 -20.68 -5.64 23.42
CA ILE A 81 -19.67 -5.32 22.43
C ILE A 81 -18.35 -6.01 22.76
N THR A 82 -18.06 -6.21 24.04
CA THR A 82 -16.89 -6.97 24.44
C THR A 82 -17.01 -8.41 23.94
N ALA A 83 -18.16 -9.04 24.15
CA ALA A 83 -18.34 -10.43 23.74
C ALA A 83 -18.24 -10.55 22.20
N ALA A 84 -18.84 -9.59 21.49
CA ALA A 84 -18.84 -9.63 20.04
C ALA A 84 -17.43 -9.43 19.48
N THR A 85 -16.66 -8.52 20.09
CA THR A 85 -15.30 -8.28 19.64
C THR A 85 -14.42 -9.50 19.96
N ALA A 86 -14.54 -10.02 21.17
CA ALA A 86 -13.73 -11.16 21.61
C ALA A 86 -14.03 -12.41 20.78
N ALA A 87 -15.24 -12.49 20.23
CA ALA A 87 -15.64 -13.66 19.45
C ALA A 87 -14.77 -13.85 18.23
N HIS A 88 -14.11 -12.79 17.77
CA HIS A 88 -13.24 -12.83 16.61
C HIS A 88 -11.78 -13.10 16.97
N GLU A 89 -11.51 -13.33 18.25
CA GLU A 89 -10.15 -13.61 18.73
C GLU A 89 -9.14 -12.60 18.18
N PRO A 90 -9.41 -11.29 18.36
CA PRO A 90 -8.47 -10.33 17.80
C PRO A 90 -7.19 -10.23 18.62
N ASP A 91 -6.12 -9.95 17.91
CA ASP A 91 -4.87 -9.55 18.54
C ASP A 91 -4.79 -8.05 18.74
N LEU A 92 -5.50 -7.30 17.90
CA LEU A 92 -5.50 -5.84 17.95
C LEU A 92 -6.89 -5.35 17.58
N VAL A 93 -7.28 -4.22 18.17
CA VAL A 93 -8.52 -3.54 17.86
C VAL A 93 -8.20 -2.09 17.53
N VAL A 94 -8.73 -1.61 16.41
CA VAL A 94 -8.62 -0.19 16.06
C VAL A 94 -10.00 0.44 16.25
N SER A 95 -10.08 1.51 17.04
CA SER A 95 -11.37 2.14 17.36
C SER A 95 -11.38 3.63 17.05
N ALA A 96 -10.42 4.09 16.27
CA ALA A 96 -10.30 5.52 15.93
C ALA A 96 -11.57 6.10 15.31
N GLY A 97 -12.28 5.33 14.48
CA GLY A 97 -13.50 5.79 13.83
C GLY A 97 -14.79 5.52 14.59
N PHE A 98 -14.68 4.98 15.81
CA PHE A 98 -15.84 4.58 16.60
C PHE A 98 -16.33 5.73 17.48
N MET A 99 -17.64 6.01 17.42
CA MET A 99 -18.29 7.14 18.07
CA MET A 99 -18.15 7.17 18.15
C MET A 99 -18.85 6.79 19.46
N ARG A 100 -18.26 5.81 20.15
CA ARG A 100 -18.68 5.44 21.51
C ARG A 100 -17.45 5.32 22.37
N ILE A 101 -17.57 5.74 23.62
CA ILE A 101 -16.54 5.49 24.61
C ILE A 101 -16.58 4.01 24.99
N LEU A 102 -15.44 3.34 24.84
CA LEU A 102 -15.35 1.92 25.21
C LEU A 102 -15.29 1.81 26.73
N GLY A 103 -16.10 0.91 27.28
CA GLY A 103 -16.33 0.82 28.72
C GLY A 103 -15.34 -0.06 29.45
N PRO A 104 -15.54 -0.18 30.78
CA PRO A 104 -14.57 -0.93 31.59
C PRO A 104 -14.54 -2.43 31.31
N GLN A 105 -15.65 -3.02 30.87
CA GLN A 105 -15.64 -4.45 30.53
C GLN A 105 -14.75 -4.64 29.31
N PHE A 106 -14.92 -3.79 28.31
CA PHE A 106 -14.12 -3.89 27.11
C PHE A 106 -12.63 -3.70 27.43
N LEU A 107 -12.33 -2.66 28.20
CA LEU A 107 -10.92 -2.36 28.53
C LEU A 107 -10.29 -3.40 29.43
N SER A 108 -11.10 -4.05 30.26
CA SER A 108 -10.57 -5.13 31.09
C SER A 108 -9.96 -6.22 30.20
N ARG A 109 -10.57 -6.49 29.05
CA ARG A 109 -10.06 -7.50 28.13
C ARG A 109 -9.02 -6.94 27.16
N PHE A 110 -9.22 -5.72 26.68
CA PHE A 110 -8.51 -5.25 25.48
C PHE A 110 -7.55 -4.07 25.70
N TYR A 111 -7.41 -3.58 26.93
CA TYR A 111 -6.42 -2.54 27.17
C TYR A 111 -5.02 -3.02 26.77
N GLY A 112 -4.30 -2.18 26.04
CA GLY A 112 -2.98 -2.54 25.53
C GLY A 112 -3.00 -3.02 24.09
N ARG A 113 -4.19 -3.39 23.62
CA ARG A 113 -4.36 -3.91 22.26
CA ARG A 113 -4.37 -3.92 22.26
CA ARG A 113 -4.38 -3.93 22.26
C ARG A 113 -5.35 -3.07 21.46
N THR A 114 -5.85 -1.99 22.06
CA THR A 114 -6.85 -1.12 21.42
C THR A 114 -6.23 0.24 21.10
N LEU A 115 -6.30 0.65 19.84
CA LEU A 115 -5.61 1.82 19.30
C LEU A 115 -6.58 2.89 18.83
N ASN A 116 -6.24 4.14 19.12
CA ASN A 116 -6.93 5.33 18.61
C ASN A 116 -5.91 6.23 17.92
N THR A 117 -6.43 7.22 17.20
CA THR A 117 -5.58 8.22 16.55
C THR A 117 -6.12 9.60 16.86
N HIS A 118 -5.27 10.60 16.69
CA HIS A 118 -5.67 11.98 16.94
C HIS A 118 -4.91 12.89 15.98
N PRO A 119 -5.59 13.90 15.40
CA PRO A 119 -4.94 14.78 14.43
C PRO A 119 -4.20 15.96 15.09
N ALA A 120 -3.41 15.69 16.13
CA ALA A 120 -2.48 16.66 16.70
C ALA A 120 -1.39 15.85 17.35
N LEU A 121 -0.30 16.52 17.76
CA LEU A 121 0.75 15.89 18.55
C LEU A 121 0.36 16.00 20.00
N LEU A 122 -0.37 15.01 20.50
CA LEU A 122 -0.73 15.00 21.91
C LEU A 122 0.55 15.13 22.76
N PRO A 123 0.48 15.86 23.89
CA PRO A 123 -0.71 16.38 24.57
C PRO A 123 -1.22 17.73 24.07
N ALA A 124 -0.67 18.28 23.00
CA ALA A 124 -1.21 19.50 22.42
C ALA A 124 -2.56 19.24 21.74
N PHE A 125 -3.41 20.27 21.78
CA PHE A 125 -4.67 20.34 21.02
C PHE A 125 -5.52 19.07 21.12
N PRO A 126 -5.86 18.67 22.36
CA PRO A 126 -6.76 17.53 22.53
C PRO A 126 -8.21 17.91 22.13
N GLY A 127 -9.07 16.91 21.98
CA GLY A 127 -10.47 17.17 21.71
C GLY A 127 -10.83 17.15 20.23
N THR A 128 -12.09 17.46 19.96
CA THR A 128 -12.63 17.29 18.61
C THR A 128 -12.27 18.44 17.67
N HIS A 129 -11.66 19.50 18.19
CA HIS A 129 -11.30 20.65 17.36
C HIS A 129 -9.80 20.85 17.28
N GLY A 130 -9.04 19.76 17.33
CA GLY A 130 -7.59 19.82 17.39
C GLY A 130 -6.94 20.52 16.22
N VAL A 131 -7.50 20.36 15.02
CA VAL A 131 -6.93 21.00 13.84
C VAL A 131 -7.23 22.51 13.84
N ALA A 132 -8.49 22.86 14.04
CA ALA A 132 -8.87 24.27 14.12
C ALA A 132 -8.12 25.01 15.23
N ASP A 133 -7.96 24.36 16.35
CA ASP A 133 -7.27 24.98 17.49
C ASP A 133 -5.78 25.19 17.22
N ALA A 134 -5.14 24.24 16.56
CA ALA A 134 -3.72 24.39 16.21
C ALA A 134 -3.55 25.57 15.24
N LEU A 135 -4.43 25.65 14.25
CA LEU A 135 -4.38 26.71 13.27
C LEU A 135 -4.56 28.06 13.94
N ALA A 136 -5.54 28.17 14.83
CA ALA A 136 -5.81 29.41 15.53
C ALA A 136 -4.67 29.84 16.47
N TYR A 137 -3.98 28.87 17.05
CA TYR A 137 -2.88 29.17 17.98
C TYR A 137 -1.66 29.68 17.22
N GLY A 138 -1.57 29.37 15.93
CA GLY A 138 -0.46 29.82 15.11
C GLY A 138 0.78 28.97 15.21
N VAL A 139 0.61 27.68 15.54
CA VAL A 139 1.77 26.79 15.50
C VAL A 139 2.23 26.60 14.05
N LYS A 140 3.48 26.19 13.88
CA LYS A 140 4.04 25.90 12.57
C LYS A 140 4.22 24.41 12.33
N VAL A 141 4.15 23.62 13.40
CA VAL A 141 4.25 22.16 13.31
C VAL A 141 3.13 21.58 14.14
N THR A 142 2.33 20.73 13.51
CA THR A 142 1.36 19.91 14.23
C THR A 142 1.67 18.46 13.84
N GLY A 143 0.69 17.57 13.82
CA GLY A 143 1.00 16.19 13.48
C GLY A 143 -0.12 15.26 13.83
N ALA A 144 0.20 13.97 13.82
CA ALA A 144 -0.74 12.92 14.15
C ALA A 144 -0.16 12.04 15.25
N THR A 145 -1.06 11.51 16.10
CA THR A 145 -0.69 10.61 17.17
C THR A 145 -1.49 9.31 17.08
N VAL A 146 -0.83 8.18 17.30
CA VAL A 146 -1.48 6.89 17.56
C VAL A 146 -1.23 6.61 19.02
N HIS A 147 -2.28 6.26 19.75
CA HIS A 147 -2.13 5.99 21.17
C HIS A 147 -3.06 4.86 21.61
N LEU A 148 -2.73 4.29 22.76
CA LEU A 148 -3.60 3.27 23.35
C LEU A 148 -4.83 3.90 23.91
N VAL A 149 -5.98 3.25 23.70
CA VAL A 149 -7.21 3.65 24.35
C VAL A 149 -7.19 3.29 25.82
N ASP A 150 -7.61 4.21 26.66
CA ASP A 150 -7.82 3.91 28.08
C ASP A 150 -9.15 4.51 28.57
N ALA A 151 -9.32 4.71 29.87
CA ALA A 151 -10.59 5.25 30.38
C ALA A 151 -10.75 6.77 30.16
N GLY A 152 -9.68 7.44 29.78
CA GLY A 152 -9.77 8.88 29.48
C GLY A 152 -9.97 9.13 28.00
N THR A 153 -10.00 10.40 27.62
CA THR A 153 -9.96 10.75 26.19
C THR A 153 -8.65 11.45 25.91
N ASP A 154 -8.01 11.04 24.81
CA ASP A 154 -6.76 11.64 24.34
C ASP A 154 -5.61 11.57 25.36
N THR A 155 -5.63 10.55 26.23
CA THR A 155 -4.68 10.45 27.37
C THR A 155 -3.76 9.20 27.44
N GLY A 156 -4.09 8.15 26.70
CA GLY A 156 -3.40 6.85 26.83
C GLY A 156 -1.96 6.87 26.30
N PRO A 157 -1.18 5.82 26.63
CA PRO A 157 0.21 5.80 26.19
C PRO A 157 0.37 5.99 24.69
N ILE A 158 1.32 6.83 24.32
CA ILE A 158 1.57 7.16 22.94
C ILE A 158 2.41 6.08 22.25
N LEU A 159 1.91 5.57 21.13
CA LEU A 159 2.61 4.53 20.38
C LEU A 159 3.47 5.09 19.28
N ALA A 160 2.97 6.12 18.58
CA ALA A 160 3.69 6.66 17.44
C ALA A 160 3.21 8.08 17.21
N GLN A 161 4.09 8.94 16.69
CA GLN A 161 3.73 10.29 16.29
C GLN A 161 4.48 10.66 15.05
N GLN A 162 3.91 11.54 14.25
CA GLN A 162 4.61 12.08 13.08
C GLN A 162 4.21 13.52 12.89
N PRO A 163 5.18 14.40 12.68
CA PRO A 163 4.86 15.82 12.53
C PRO A 163 4.32 16.13 11.14
N VAL A 164 3.58 17.23 11.04
CA VAL A 164 2.96 17.74 9.82
C VAL A 164 3.12 19.26 9.86
N PRO A 165 3.62 19.88 8.78
CA PRO A 165 3.78 21.35 8.82
C PRO A 165 2.47 22.09 8.64
N VAL A 166 2.39 23.28 9.23
CA VAL A 166 1.29 24.21 8.96
C VAL A 166 1.81 25.25 7.99
N LEU A 167 1.16 25.37 6.84
CA LEU A 167 1.64 26.29 5.82
C LEU A 167 0.84 27.59 5.79
N ASP A 168 1.50 28.66 5.39
CA ASP A 168 0.85 29.96 5.26
C ASP A 168 -0.34 29.81 4.31
N GLY A 169 -1.51 30.31 4.72
CA GLY A 169 -2.71 30.23 3.90
C GLY A 169 -3.58 29.00 4.15
N ASP A 170 -3.10 28.06 4.96
CA ASP A 170 -3.94 26.90 5.31
C ASP A 170 -5.24 27.36 5.95
N ASP A 171 -6.33 26.70 5.58
CA ASP A 171 -7.54 26.75 6.39
C ASP A 171 -7.69 25.41 7.10
N GLU A 172 -8.72 25.27 7.93
CA GLU A 172 -8.93 24.03 8.68
C GLU A 172 -8.96 22.81 7.75
N GLU A 173 -9.66 22.92 6.63
CA GLU A 173 -9.82 21.77 5.77
C GLU A 173 -8.51 21.36 5.09
N THR A 174 -7.71 22.32 4.67
CA THR A 174 -6.44 22.03 4.04
C THR A 174 -5.46 21.38 5.01
N LEU A 175 -5.38 21.93 6.23
CA LEU A 175 -4.52 21.39 7.24
C LEU A 175 -4.99 19.99 7.64
N HIS A 176 -6.31 19.85 7.84
CA HIS A 176 -6.84 18.54 8.22
C HIS A 176 -6.56 17.48 7.16
N GLU A 177 -6.66 17.83 5.88
CA GLU A 177 -6.32 16.87 4.83
C GLU A 177 -4.90 16.40 4.96
N ARG A 178 -3.99 17.35 5.20
CA ARG A 178 -2.57 17.03 5.27
C ARG A 178 -2.33 16.11 6.47
N ILE A 179 -2.96 16.42 7.60
CA ILE A 179 -2.80 15.59 8.78
C ILE A 179 -3.41 14.20 8.58
N LYS A 180 -4.62 14.13 8.02
CA LYS A 180 -5.33 12.86 7.89
C LYS A 180 -4.54 11.86 7.05
N VAL A 181 -3.88 12.34 6.00
CA VAL A 181 -3.08 11.47 5.16
C VAL A 181 -1.97 10.83 6.00
N THR A 182 -1.31 11.64 6.83
CA THR A 182 -0.25 11.16 7.71
C THR A 182 -0.80 10.26 8.82
N GLU A 183 -1.95 10.63 9.35
CA GLU A 183 -2.60 9.88 10.43
C GLU A 183 -2.93 8.44 10.02
N ARG A 184 -3.53 8.29 8.85
CA ARG A 184 -3.90 6.94 8.39
C ARG A 184 -2.65 6.09 8.17
N ARG A 185 -1.62 6.65 7.54
CA ARG A 185 -0.35 5.96 7.33
C ARG A 185 0.33 5.56 8.63
N LEU A 186 0.30 6.48 9.60
CA LEU A 186 0.92 6.23 10.88
C LEU A 186 0.22 5.07 11.59
N LEU A 187 -1.12 5.05 11.52
CA LEU A 187 -1.87 3.97 12.14
C LEU A 187 -1.54 2.62 11.46
N VAL A 188 -1.49 2.61 10.13
CA VAL A 188 -1.18 1.39 9.40
C VAL A 188 0.22 0.89 9.79
N ALA A 189 1.18 1.81 9.93
CA ALA A 189 2.52 1.43 10.33
C ALA A 189 2.58 0.94 11.77
N ALA A 190 1.79 1.55 12.66
CA ALA A 190 1.80 1.16 14.07
C ALA A 190 1.18 -0.22 14.26
N VAL A 191 0.13 -0.52 13.50
CA VAL A 191 -0.48 -1.85 13.54
C VAL A 191 0.56 -2.90 13.14
N ALA A 192 1.29 -2.63 12.06
CA ALA A 192 2.29 -3.58 11.61
C ALA A 192 3.40 -3.78 12.63
N ALA A 193 3.87 -2.68 13.23
CA ALA A 193 4.93 -2.78 14.22
C ALA A 193 4.46 -3.53 15.46
N LEU A 194 3.24 -3.25 15.92
CA LEU A 194 2.68 -3.95 17.08
C LEU A 194 2.53 -5.43 16.84
N ALA A 195 2.04 -5.78 15.65
CA ALA A 195 1.88 -7.19 15.30
C ALA A 195 3.24 -7.88 15.28
N THR A 196 4.23 -7.25 14.65
CA THR A 196 5.51 -7.91 14.46
C THR A 196 6.34 -7.96 15.73
N HIS A 197 6.30 -6.87 16.50
CA HIS A 197 7.25 -6.69 17.59
C HIS A 197 6.66 -6.68 18.99
N GLY A 198 5.35 -6.46 19.09
CA GLY A 198 4.74 -6.25 20.39
C GLY A 198 5.16 -4.91 20.99
N VAL A 199 4.72 -4.70 22.22
CA VAL A 199 4.99 -3.44 22.92
C VAL A 199 5.03 -3.71 24.42
N THR A 200 5.82 -2.88 25.11
CA THR A 200 5.86 -2.88 26.57
C THR A 200 5.53 -1.47 27.03
N VAL A 201 4.66 -1.36 28.04
CA VAL A 201 4.36 -0.06 28.65
C VAL A 201 4.85 0.00 30.10
N VAL A 202 5.69 1.01 30.36
CA VAL A 202 6.24 1.29 31.70
C VAL A 202 5.92 2.74 32.03
N GLY A 203 5.17 2.95 33.12
CA GLY A 203 4.65 4.29 33.43
C GLY A 203 3.59 4.64 32.42
N ARG A 204 3.82 5.68 31.63
CA ARG A 204 2.98 5.97 30.46
C ARG A 204 3.79 5.89 29.15
N THR A 205 4.98 5.30 29.22
CA THR A 205 5.89 5.21 28.08
C THR A 205 5.80 3.84 27.43
N ALA A 206 5.37 3.82 26.18
CA ALA A 206 5.24 2.60 25.39
C ALA A 206 6.45 2.44 24.50
N THR A 207 7.06 1.26 24.58
CA THR A 207 8.26 0.92 23.81
C THR A 207 7.98 -0.30 22.94
N MET A 208 8.04 -0.13 21.62
CA MET A 208 7.90 -1.25 20.70
C MET A 208 9.04 -2.23 20.88
N GLY A 209 8.74 -3.51 20.67
CA GLY A 209 9.80 -4.52 20.58
C GLY A 209 10.76 -4.20 19.45
N ARG A 210 11.95 -4.78 19.52
CA ARG A 210 13.01 -4.52 18.54
C ARG A 210 13.25 -5.70 17.63
N LYS A 211 13.71 -5.41 16.42
CA LYS A 211 14.08 -6.46 15.47
C LYS A 211 15.21 -7.30 16.05
N VAL A 212 15.22 -8.59 15.72
CA VAL A 212 16.19 -9.52 16.31
C VAL A 212 17.40 -9.75 15.41
N THR A 213 17.38 -9.23 14.20
CA THR A 213 18.56 -9.22 13.32
C THR A 213 18.60 -7.91 12.55
N ILE A 214 19.76 -7.57 12.02
CA ILE A 214 19.87 -6.44 11.10
C ILE A 214 18.88 -6.55 9.91
N GLY A 215 18.89 -7.67 9.17
CA GLY A 215 19.83 -8.78 9.37
C GLY A 215 20.20 -9.58 8.14
N PRO B 4 24.24 -17.72 -10.56
CA PRO B 4 22.86 -17.29 -10.44
C PRO B 4 22.72 -15.80 -10.21
N LEU B 5 21.62 -15.23 -10.70
CA LEU B 5 21.31 -13.81 -10.55
C LEU B 5 20.85 -13.53 -9.12
N ARG B 6 21.47 -12.54 -8.48
CA ARG B 6 21.05 -12.11 -7.15
C ARG B 6 20.85 -10.60 -7.14
N VAL B 7 19.61 -10.18 -6.90
CA VAL B 7 19.28 -8.77 -6.76
C VAL B 7 18.84 -8.54 -5.32
N PRO B 8 19.61 -7.74 -4.56
CA PRO B 8 19.26 -7.52 -3.16
C PRO B 8 18.05 -6.60 -3.01
N PRO B 9 17.41 -6.61 -1.82
CA PRO B 9 16.41 -5.59 -1.51
C PRO B 9 16.96 -4.18 -1.73
N SER B 10 16.08 -3.27 -2.09
CA SER B 10 16.46 -1.90 -2.36
C SER B 10 15.54 -0.89 -1.67
N ALA B 11 14.52 -1.37 -0.94
CA ALA B 11 13.60 -0.43 -0.26
C ALA B 11 14.39 0.49 0.68
N PRO B 12 14.14 1.82 0.63
CA PRO B 12 13.27 2.60 -0.28
C PRO B 12 13.88 2.73 -1.68
N ALA B 13 13.18 2.21 -2.66
CA ALA B 13 13.75 2.01 -3.98
C ALA B 13 13.46 3.17 -4.93
N ARG B 14 14.39 3.38 -5.84
CA ARG B 14 14.22 4.38 -6.88
C ARG B 14 13.78 3.68 -8.16
N LEU B 15 12.64 4.07 -8.70
CA LEU B 15 12.07 3.43 -9.89
C LEU B 15 12.11 4.40 -11.07
N VAL B 16 12.62 3.90 -12.20
CA VAL B 16 12.46 4.61 -13.48
C VAL B 16 11.44 3.85 -14.31
N VAL B 17 10.51 4.59 -14.91
CA VAL B 17 9.54 4.01 -15.85
C VAL B 17 9.92 4.46 -17.26
N LEU B 18 10.07 3.50 -18.17
CA LEU B 18 10.26 3.80 -19.59
C LEU B 18 8.94 3.57 -20.30
N ALA B 19 8.51 4.56 -21.08
CA ALA B 19 7.17 4.54 -21.67
C ALA B 19 7.17 5.11 -23.09
N SER B 20 6.21 4.67 -23.90
CA SER B 20 6.06 5.17 -25.26
C SER B 20 4.62 5.50 -25.63
N GLY B 21 3.67 5.25 -24.73
CA GLY B 21 2.26 5.28 -25.08
C GLY B 21 1.42 6.10 -24.13
N THR B 22 0.24 5.56 -23.84
CA THR B 22 -0.81 6.31 -23.15
C THR B 22 -0.55 6.44 -21.65
N GLY B 23 0.38 5.68 -21.10
CA GLY B 23 0.71 5.80 -19.69
C GLY B 23 -0.29 5.28 -18.67
N SER B 24 -1.19 4.39 -19.07
CA SER B 24 -2.19 3.92 -18.12
C SER B 24 -1.54 3.18 -16.95
N LEU B 25 -0.51 2.38 -17.20
CA LEU B 25 0.21 1.70 -16.15
C LEU B 25 0.96 2.69 -15.24
N LEU B 26 1.57 3.70 -15.86
CA LEU B 26 2.24 4.75 -15.12
C LEU B 26 1.27 5.41 -14.14
N ARG B 27 0.03 5.64 -14.57
CA ARG B 27 -0.96 6.20 -13.65
C ARG B 27 -1.06 5.36 -12.38
N SER B 28 -1.13 4.03 -12.52
CA SER B 28 -1.28 3.18 -11.34
C SER B 28 -0.03 3.19 -10.47
N LEU B 29 1.14 3.21 -11.10
CA LEU B 29 2.39 3.28 -10.36
C LEU B 29 2.52 4.58 -9.59
N LEU B 30 2.18 5.70 -10.22
CA LEU B 30 2.25 7.00 -9.54
C LEU B 30 1.30 7.07 -8.37
N ASP B 31 0.11 6.52 -8.55
CA ASP B 31 -0.89 6.49 -7.49
C ASP B 31 -0.42 5.65 -6.30
N ALA B 32 0.27 4.54 -6.58
CA ALA B 32 0.71 3.62 -5.53
C ALA B 32 1.96 4.11 -4.82
N ALA B 33 2.85 4.78 -5.56
CA ALA B 33 4.22 5.04 -5.09
C ALA B 33 4.34 6.31 -4.26
N VAL B 34 3.61 6.28 -3.16
CA VAL B 34 3.53 7.38 -2.21
C VAL B 34 3.56 6.77 -0.80
N GLY B 35 3.83 7.60 0.20
CA GLY B 35 3.72 7.15 1.59
C GLY B 35 4.63 5.98 1.92
N ASP B 36 4.07 4.93 2.51
CA ASP B 36 4.90 3.78 2.91
C ASP B 36 5.12 2.68 1.83
N TYR B 37 4.63 2.92 0.61
CA TYR B 37 5.03 2.07 -0.51
C TYR B 37 6.55 2.13 -0.64
N PRO B 38 7.20 0.98 -0.88
CA PRO B 38 8.66 0.93 -0.72
C PRO B 38 9.47 1.43 -1.92
N ALA B 39 8.86 2.28 -2.75
CA ALA B 39 9.54 2.84 -3.93
C ALA B 39 8.93 4.17 -4.29
N ARG B 40 9.66 4.94 -5.09
CA ARG B 40 9.17 6.19 -5.67
C ARG B 40 9.53 6.17 -7.14
N VAL B 41 8.64 6.70 -7.98
CA VAL B 41 8.99 6.94 -9.38
C VAL B 41 9.83 8.21 -9.45
N VAL B 42 11.10 8.05 -9.76
CA VAL B 42 12.01 9.19 -9.74
C VAL B 42 12.16 9.85 -11.11
N ALA B 43 11.81 9.13 -12.18
CA ALA B 43 11.91 9.67 -13.52
C ALA B 43 11.13 8.78 -14.47
N VAL B 44 10.67 9.39 -15.54
CA VAL B 44 10.06 8.69 -16.66
C VAL B 44 10.85 9.01 -17.91
N GLY B 45 11.26 7.96 -18.62
CA GLY B 45 11.97 8.09 -19.90
C GLY B 45 11.05 7.70 -21.03
N VAL B 46 11.06 8.49 -22.09
CA VAL B 46 10.25 8.22 -23.25
C VAL B 46 11.12 8.29 -24.50
N ASP B 47 10.65 7.66 -25.58
CA ASP B 47 11.39 7.69 -26.85
C ASP B 47 10.62 8.43 -27.92
N ARG B 48 9.53 9.09 -27.54
CA ARG B 48 8.66 9.83 -28.47
C ARG B 48 7.72 10.69 -27.63
N GLU B 49 7.08 11.66 -28.25
CA GLU B 49 6.01 12.40 -27.59
C GLU B 49 4.84 11.44 -27.36
N CYS B 50 4.33 11.44 -26.13
CA CYS B 50 3.27 10.52 -25.75
C CYS B 50 2.61 11.03 -24.49
N ARG B 51 1.42 10.51 -24.22
CA ARG B 51 0.68 10.92 -23.04
C ARG B 51 1.39 10.55 -21.74
N ALA B 52 2.17 9.46 -21.75
CA ALA B 52 2.90 9.08 -20.55
C ALA B 52 3.81 10.23 -20.08
N ALA B 53 4.46 10.93 -21.01
CA ALA B 53 5.31 12.05 -20.67
C ALA B 53 4.52 13.17 -20.00
N GLU B 54 3.29 13.38 -20.48
CA GLU B 54 2.42 14.41 -19.91
C GLU B 54 1.96 14.02 -18.50
N ILE B 55 1.61 12.76 -18.32
CA ILE B 55 1.19 12.24 -17.02
C ILE B 55 2.33 12.41 -16.01
N ALA B 56 3.56 12.09 -16.42
CA ALA B 56 4.72 12.27 -15.55
C ALA B 56 4.91 13.73 -15.14
N ALA B 57 4.88 14.61 -16.13
CA ALA B 57 5.07 16.04 -15.87
C ALA B 57 3.98 16.58 -14.95
N GLU B 58 2.74 16.11 -15.11
CA GLU B 58 1.63 16.52 -14.24
C GLU B 58 1.83 16.08 -12.79
N ALA B 59 2.58 14.99 -12.60
CA ALA B 59 2.87 14.47 -11.27
C ALA B 59 4.20 15.03 -10.72
N SER B 60 4.78 16.02 -11.42
CA SER B 60 6.07 16.62 -11.05
C SER B 60 7.21 15.61 -11.00
N VAL B 61 7.17 14.66 -11.93
CA VAL B 61 8.24 13.68 -12.10
C VAL B 61 9.07 14.10 -13.32
N PRO B 62 10.40 14.14 -13.17
CA PRO B 62 11.27 14.48 -14.30
C PRO B 62 11.07 13.52 -15.47
N VAL B 63 11.10 14.06 -16.69
CA VAL B 63 10.97 13.29 -17.91
C VAL B 63 12.22 13.46 -18.75
N PHE B 64 12.74 12.36 -19.24
CA PHE B 64 13.83 12.41 -20.19
C PHE B 64 13.39 11.77 -21.49
N THR B 65 13.97 12.24 -22.59
CA THR B 65 13.59 11.77 -23.90
C THR B 65 14.84 11.31 -24.63
N VAL B 66 14.82 10.08 -25.13
CA VAL B 66 15.94 9.56 -25.92
C VAL B 66 15.34 8.90 -27.15
N ARG B 67 15.30 9.66 -28.24
CA ARG B 67 14.69 9.18 -29.48
C ARG B 67 15.73 8.46 -30.33
N LEU B 68 15.34 7.33 -30.90
CA LEU B 68 16.23 6.59 -31.78
C LEU B 68 16.69 7.50 -32.93
N ALA B 69 15.76 8.31 -33.45
CA ALA B 69 16.02 9.15 -34.62
C ALA B 69 17.14 10.18 -34.38
N ASP B 70 17.41 10.48 -33.11
CA ASP B 70 18.42 11.47 -32.74
C ASP B 70 19.85 10.92 -32.62
N HIS B 71 20.03 9.65 -32.97
CA HIS B 71 21.32 8.98 -32.90
C HIS B 71 21.69 8.29 -34.21
N PRO B 72 22.99 8.05 -34.46
CA PRO B 72 23.34 7.49 -35.77
C PRO B 72 23.05 6.02 -35.93
N SER B 73 22.85 5.30 -34.84
CA SER B 73 22.63 3.87 -34.89
C SER B 73 21.90 3.46 -33.63
N ARG B 74 21.39 2.24 -33.66
CA ARG B 74 20.76 1.67 -32.48
C ARG B 74 21.77 1.46 -31.35
N ASP B 75 23.04 1.18 -31.67
CA ASP B 75 24.07 1.02 -30.63
C ASP B 75 24.31 2.34 -29.90
N ALA B 76 24.37 3.43 -30.66
CA ALA B 76 24.51 4.78 -30.10
C ALA B 76 23.31 5.15 -29.20
N TRP B 77 22.10 4.87 -29.69
CA TRP B 77 20.88 5.09 -28.91
C TRP B 77 20.92 4.29 -27.61
N ASP B 78 21.36 3.03 -27.70
CA ASP B 78 21.49 2.13 -26.53
C ASP B 78 22.39 2.75 -25.47
N VAL B 79 23.55 3.25 -25.88
CA VAL B 79 24.42 3.94 -24.94
C VAL B 79 23.72 5.15 -24.29
N ALA B 80 23.01 5.95 -25.10
CA ALA B 80 22.38 7.16 -24.57
C ALA B 80 21.24 6.86 -23.60
N ILE B 81 20.37 5.89 -23.93
CA ILE B 81 19.27 5.61 -23.04
C ILE B 81 19.76 4.93 -21.78
N THR B 82 20.84 4.16 -21.90
CA THR B 82 21.44 3.54 -20.71
C THR B 82 22.00 4.62 -19.79
N ALA B 83 22.73 5.59 -20.36
CA ALA B 83 23.28 6.69 -19.55
C ALA B 83 22.20 7.53 -18.92
N ALA B 84 21.14 7.83 -19.66
CA ALA B 84 20.04 8.63 -19.15
C ALA B 84 19.30 7.93 -18.02
N THR B 85 19.07 6.63 -18.16
CA THR B 85 18.38 5.87 -17.14
C THR B 85 19.28 5.74 -15.91
N ALA B 86 20.53 5.38 -16.12
CA ALA B 86 21.49 5.23 -15.01
C ALA B 86 21.71 6.54 -14.26
N ALA B 87 21.51 7.67 -14.94
CA ALA B 87 21.70 8.97 -14.31
C ALA B 87 20.79 9.18 -13.12
N HIS B 88 19.67 8.45 -13.09
CA HIS B 88 18.71 8.56 -12.00
C HIS B 88 18.97 7.59 -10.88
N GLU B 89 20.04 6.81 -10.98
CA GLU B 89 20.39 5.80 -9.97
C GLU B 89 19.21 4.88 -9.61
N PRO B 90 18.55 4.30 -10.61
CA PRO B 90 17.41 3.46 -10.28
C PRO B 90 17.82 2.14 -9.67
N ASP B 91 16.98 1.64 -8.79
CA ASP B 91 17.06 0.27 -8.33
C ASP B 91 16.22 -0.65 -9.19
N LEU B 92 15.21 -0.12 -9.84
CA LEU B 92 14.31 -0.90 -10.67
C LEU B 92 13.86 -0.07 -11.86
N VAL B 93 13.63 -0.75 -12.97
CA VAL B 93 13.14 -0.12 -14.19
C VAL B 93 11.91 -0.88 -14.65
N VAL B 94 10.82 -0.16 -14.93
CA VAL B 94 9.64 -0.77 -15.54
C VAL B 94 9.60 -0.32 -16.99
N SER B 95 9.55 -1.26 -17.92
CA SER B 95 9.52 -0.95 -19.34
C SER B 95 8.34 -1.57 -20.06
N ALA B 96 7.31 -1.93 -19.30
CA ALA B 96 6.12 -2.57 -19.85
C ALA B 96 5.45 -1.75 -20.95
N GLY B 97 5.43 -0.43 -20.83
CA GLY B 97 4.83 0.45 -21.82
C GLY B 97 5.77 0.99 -22.87
N PHE B 98 7.02 0.51 -22.88
CA PHE B 98 8.04 1.03 -23.79
C PHE B 98 8.02 0.24 -25.08
N MET B 99 8.03 0.93 -26.22
CA MET B 99 7.83 0.25 -27.49
CA MET B 99 7.80 0.31 -27.52
C MET B 99 9.08 0.17 -28.35
N ARG B 100 10.22 0.08 -27.69
CA ARG B 100 11.50 -0.21 -28.35
C ARG B 100 12.19 -1.32 -27.60
N ILE B 101 12.97 -2.10 -28.34
CA ILE B 101 13.73 -3.18 -27.76
C ILE B 101 14.96 -2.60 -27.05
N LEU B 102 15.09 -2.91 -25.77
CA LEU B 102 16.25 -2.46 -25.00
C LEU B 102 17.48 -3.27 -25.40
N GLY B 103 18.58 -2.57 -25.65
CA GLY B 103 19.78 -3.16 -26.21
C GLY B 103 20.73 -3.77 -25.20
N PRO B 104 21.84 -4.34 -25.69
CA PRO B 104 22.77 -5.06 -24.82
C PRO B 104 23.47 -4.18 -23.79
N GLN B 105 23.72 -2.91 -24.10
CA GLN B 105 24.33 -2.03 -23.11
C GLN B 105 23.37 -1.82 -21.95
N PHE B 106 22.11 -1.58 -22.29
CA PHE B 106 21.12 -1.38 -21.25
C PHE B 106 20.99 -2.63 -20.38
N LEU B 107 20.92 -3.79 -21.01
CA LEU B 107 20.77 -5.04 -20.26
C LEU B 107 22.01 -5.40 -19.46
N SER B 108 23.18 -5.01 -19.94
CA SER B 108 24.41 -5.23 -19.17
C SER B 108 24.27 -4.59 -17.79
N ARG B 109 23.66 -3.41 -17.76
CA ARG B 109 23.53 -2.67 -16.53
C ARG B 109 22.30 -3.09 -15.74
N PHE B 110 21.20 -3.37 -16.42
CA PHE B 110 19.90 -3.44 -15.76
C PHE B 110 19.20 -4.80 -15.81
N TYR B 111 19.79 -5.83 -16.41
CA TYR B 111 19.17 -7.16 -16.35
C TYR B 111 18.97 -7.61 -14.91
N GLY B 112 17.78 -8.11 -14.62
CA GLY B 112 17.43 -8.53 -13.28
C GLY B 112 16.67 -7.46 -12.54
N ARG B 113 16.74 -6.23 -13.04
N ARG B 113 16.75 -6.22 -13.03
CA ARG B 113 16.09 -5.09 -12.41
CA ARG B 113 16.09 -5.08 -12.41
C ARG B 113 15.08 -4.42 -13.34
C ARG B 113 15.04 -4.45 -13.31
N THR B 114 14.86 -5.00 -14.52
CA THR B 114 13.99 -4.41 -15.55
C THR B 114 12.81 -5.34 -15.77
N LEU B 115 11.60 -4.79 -15.64
CA LEU B 115 10.35 -5.56 -15.62
C LEU B 115 9.45 -5.22 -16.77
N ASN B 116 8.85 -6.25 -17.36
CA ASN B 116 7.86 -6.15 -18.42
C ASN B 116 6.61 -6.89 -17.98
N THR B 117 5.53 -6.63 -18.68
CA THR B 117 4.29 -7.35 -18.48
C THR B 117 3.81 -7.97 -19.78
N HIS B 118 2.94 -8.96 -19.65
CA HIS B 118 2.33 -9.58 -20.82
C HIS B 118 0.90 -9.98 -20.47
N PRO B 119 -0.06 -9.78 -21.39
CA PRO B 119 -1.46 -10.05 -21.11
C PRO B 119 -1.88 -11.52 -21.39
N ALA B 120 -1.09 -12.46 -20.89
CA ALA B 120 -1.44 -13.87 -20.87
C ALA B 120 -0.63 -14.49 -19.75
N LEU B 121 -0.98 -15.73 -19.41
CA LEU B 121 -0.19 -16.53 -18.47
C LEU B 121 0.90 -17.24 -19.26
N LEU B 122 2.04 -16.58 -19.41
CA LEU B 122 3.14 -17.20 -20.13
C LEU B 122 3.47 -18.55 -19.47
N PRO B 123 3.88 -19.54 -20.26
CA PRO B 123 4.28 -19.46 -21.68
C PRO B 123 3.13 -19.58 -22.67
N ALA B 124 1.89 -19.66 -22.21
CA ALA B 124 0.76 -19.66 -23.14
C ALA B 124 0.63 -18.29 -23.80
N PHE B 125 0.23 -18.31 -25.06
CA PHE B 125 -0.17 -17.13 -25.83
C PHE B 125 0.86 -16.00 -25.80
N PRO B 126 2.11 -16.32 -26.21
CA PRO B 126 3.13 -15.28 -26.31
C PRO B 126 2.88 -14.36 -27.53
N GLY B 127 3.63 -13.27 -27.59
CA GLY B 127 3.58 -12.37 -28.76
C GLY B 127 2.61 -11.23 -28.61
N THR B 128 2.44 -10.45 -29.68
CA THR B 128 1.70 -9.19 -29.59
C THR B 128 0.20 -9.36 -29.67
N HIS B 129 -0.23 -10.58 -30.00
CA HIS B 129 -1.66 -10.87 -30.15
C HIS B 129 -2.14 -11.93 -29.15
N GLY B 130 -1.54 -11.94 -27.96
CA GLY B 130 -1.85 -12.98 -26.96
C GLY B 130 -3.30 -12.99 -26.51
N VAL B 131 -3.93 -11.83 -26.45
CA VAL B 131 -5.33 -11.75 -26.05
C VAL B 131 -6.24 -12.36 -27.13
N ALA B 132 -6.10 -11.91 -28.38
CA ALA B 132 -6.86 -12.47 -29.47
C ALA B 132 -6.65 -13.99 -29.57
N ASP B 133 -5.41 -14.42 -29.36
CA ASP B 133 -5.10 -15.84 -29.48
C ASP B 133 -5.77 -16.67 -28.37
N ALA B 134 -5.76 -16.14 -27.14
CA ALA B 134 -6.46 -16.81 -26.02
C ALA B 134 -7.96 -16.91 -26.27
N LEU B 135 -8.54 -15.83 -26.77
CA LEU B 135 -9.97 -15.82 -27.08
C LEU B 135 -10.30 -16.84 -28.16
N ALA B 136 -9.49 -16.89 -29.22
CA ALA B 136 -9.70 -17.83 -30.31
C ALA B 136 -9.56 -19.28 -29.86
N TYR B 137 -8.66 -19.54 -28.92
CA TYR B 137 -8.45 -20.89 -28.41
C TYR B 137 -9.61 -21.37 -27.55
N GLY B 138 -10.36 -20.45 -26.97
CA GLY B 138 -11.48 -20.83 -26.13
C GLY B 138 -11.10 -21.20 -24.71
N VAL B 139 -9.98 -20.70 -24.21
CA VAL B 139 -9.67 -20.90 -22.80
C VAL B 139 -10.70 -20.21 -21.93
N LYS B 140 -10.84 -20.70 -20.70
CA LYS B 140 -11.72 -20.05 -19.75
C LYS B 140 -10.97 -19.20 -18.74
N VAL B 141 -9.65 -19.41 -18.63
CA VAL B 141 -8.80 -18.67 -17.73
C VAL B 141 -7.60 -18.21 -18.53
N THR B 142 -7.33 -16.90 -18.48
CA THR B 142 -6.07 -16.35 -18.98
C THR B 142 -5.49 -15.55 -17.82
N GLY B 143 -4.75 -14.49 -18.07
CA GLY B 143 -4.15 -13.77 -16.97
C GLY B 143 -3.12 -12.79 -17.42
N ALA B 144 -2.37 -12.29 -16.44
CA ALA B 144 -1.26 -11.38 -16.69
C ALA B 144 0.01 -11.95 -16.09
N THR B 145 1.13 -11.60 -16.73
CA THR B 145 2.46 -12.02 -16.27
C THR B 145 3.37 -10.82 -16.13
N VAL B 146 4.13 -10.77 -15.04
CA VAL B 146 5.26 -9.84 -14.88
C VAL B 146 6.51 -10.69 -15.00
N HIS B 147 7.43 -10.29 -15.86
CA HIS B 147 8.64 -11.07 -16.07
C HIS B 147 9.83 -10.14 -16.27
N LEU B 148 11.02 -10.68 -16.06
CA LEU B 148 12.26 -9.93 -16.31
C LEU B 148 12.48 -9.75 -17.80
N VAL B 149 12.84 -8.53 -18.19
CA VAL B 149 13.23 -8.26 -19.57
C VAL B 149 14.58 -8.89 -19.85
N ASP B 150 14.70 -9.53 -21.01
CA ASP B 150 16.02 -9.96 -21.47
C ASP B 150 16.24 -9.60 -22.94
N ALA B 151 17.11 -10.31 -23.66
CA ALA B 151 17.57 -9.81 -24.96
C ALA B 151 16.49 -9.61 -26.03
N ASP B 154 11.57 -12.41 -24.93
CA ASP B 154 10.42 -12.18 -24.08
C ASP B 154 10.03 -13.44 -23.29
N THR B 155 11.03 -14.24 -22.94
CA THR B 155 10.83 -15.48 -22.22
C THR B 155 11.64 -15.44 -20.94
N GLY B 156 11.88 -14.25 -20.43
CA GLY B 156 12.65 -14.06 -19.21
C GLY B 156 11.97 -14.65 -17.99
N PRO B 157 12.72 -14.79 -16.90
CA PRO B 157 12.15 -15.40 -15.68
C PRO B 157 10.88 -14.68 -15.22
N ILE B 158 9.88 -15.48 -14.88
CA ILE B 158 8.60 -14.98 -14.43
C ILE B 158 8.66 -14.54 -12.96
N LEU B 159 8.23 -13.32 -12.69
CA LEU B 159 8.21 -12.82 -11.33
C LEU B 159 6.88 -13.01 -10.64
N ALA B 160 5.78 -12.82 -11.38
CA ALA B 160 4.45 -12.85 -10.78
C ALA B 160 3.44 -13.11 -11.86
N GLN B 161 2.36 -13.80 -11.50
CA GLN B 161 1.25 -14.02 -12.42
C GLN B 161 -0.05 -13.95 -11.65
N GLN B 162 -1.14 -13.61 -12.35
CA GLN B 162 -2.45 -13.60 -11.73
C GLN B 162 -3.46 -13.95 -12.80
N PRO B 163 -4.39 -14.88 -12.48
CA PRO B 163 -5.40 -15.29 -13.47
C PRO B 163 -6.50 -14.27 -13.68
N VAL B 164 -7.13 -14.34 -14.85
CA VAL B 164 -8.23 -13.47 -15.26
C VAL B 164 -9.23 -14.37 -16.01
N PRO B 165 -10.52 -14.35 -15.65
CA PRO B 165 -11.46 -15.21 -16.38
C PRO B 165 -11.79 -14.66 -17.76
N VAL B 166 -12.11 -15.59 -18.68
CA VAL B 166 -12.67 -15.22 -19.97
C VAL B 166 -14.17 -15.45 -19.84
N LEU B 167 -14.94 -14.40 -20.06
CA LEU B 167 -16.38 -14.52 -19.90
C LEU B 167 -17.02 -14.82 -21.24
N ASP B 168 -18.08 -15.61 -21.20
CA ASP B 168 -18.79 -15.98 -22.42
C ASP B 168 -19.21 -14.70 -23.12
N GLY B 169 -18.92 -14.60 -24.41
CA GLY B 169 -19.23 -13.41 -25.19
C GLY B 169 -18.21 -12.28 -25.21
N ASP B 170 -17.04 -12.49 -24.60
CA ASP B 170 -15.98 -11.49 -24.66
C ASP B 170 -15.52 -11.26 -26.10
N ASP B 171 -15.19 -10.01 -26.43
CA ASP B 171 -14.39 -9.75 -27.63
C ASP B 171 -12.98 -9.38 -27.18
N GLU B 172 -12.07 -9.16 -28.12
CA GLU B 172 -10.67 -8.89 -27.80
C GLU B 172 -10.56 -7.66 -26.89
N GLU B 173 -11.31 -6.62 -27.22
CA GLU B 173 -11.24 -5.36 -26.47
C GLU B 173 -11.70 -5.52 -25.02
N THR B 174 -12.80 -6.23 -24.80
CA THR B 174 -13.34 -6.42 -23.46
C THR B 174 -12.42 -7.32 -22.61
N LEU B 175 -11.94 -8.41 -23.20
CA LEU B 175 -10.98 -9.26 -22.49
C LEU B 175 -9.67 -8.54 -22.21
N HIS B 176 -9.14 -7.81 -23.20
CA HIS B 176 -7.85 -7.15 -23.04
C HIS B 176 -7.93 -6.11 -21.94
N GLU B 177 -9.05 -5.41 -21.89
CA GLU B 177 -9.26 -4.43 -20.84
C GLU B 177 -9.31 -5.08 -19.45
N ARG B 178 -10.00 -6.22 -19.32
CA ARG B 178 -10.07 -6.93 -18.05
C ARG B 178 -8.67 -7.41 -17.60
N ILE B 179 -7.89 -7.88 -18.56
CA ILE B 179 -6.52 -8.31 -18.27
C ILE B 179 -5.67 -7.09 -17.83
N LYS B 180 -5.77 -5.97 -18.55
CA LYS B 180 -5.00 -4.77 -18.24
C LYS B 180 -5.25 -4.28 -16.82
N VAL B 181 -6.49 -4.36 -16.37
CA VAL B 181 -6.86 -4.04 -14.99
C VAL B 181 -6.01 -4.84 -14.00
N THR B 182 -5.95 -6.15 -14.23
CA THR B 182 -5.17 -7.04 -13.37
C THR B 182 -3.65 -6.82 -13.54
N GLU B 183 -3.21 -6.57 -14.77
CA GLU B 183 -1.80 -6.26 -15.07
C GLU B 183 -1.32 -5.10 -14.19
N ARG B 184 -2.13 -4.06 -14.05
CA ARG B 184 -1.68 -2.87 -13.32
C ARG B 184 -1.48 -3.23 -11.86
N ARG B 185 -2.43 -3.93 -11.27
CA ARG B 185 -2.32 -4.32 -9.87
C ARG B 185 -1.16 -5.27 -9.63
N LEU B 186 -0.98 -6.21 -10.56
CA LEU B 186 0.09 -7.17 -10.43
C LEU B 186 1.45 -6.51 -10.51
N LEU B 187 1.61 -5.56 -11.43
CA LEU B 187 2.88 -4.86 -11.57
C LEU B 187 3.20 -4.06 -10.30
N VAL B 188 2.20 -3.35 -9.77
CA VAL B 188 2.39 -2.59 -8.55
C VAL B 188 2.84 -3.51 -7.41
N ALA B 189 2.20 -4.67 -7.28
CA ALA B 189 2.57 -5.61 -6.23
C ALA B 189 3.98 -6.18 -6.45
N ALA B 190 4.33 -6.46 -7.71
CA ALA B 190 5.64 -7.06 -8.00
C ALA B 190 6.77 -6.07 -7.74
N VAL B 191 6.55 -4.80 -8.09
CA VAL B 191 7.55 -3.76 -7.82
C VAL B 191 7.80 -3.68 -6.31
N ALA B 192 6.73 -3.69 -5.51
CA ALA B 192 6.88 -3.61 -4.06
C ALA B 192 7.63 -4.83 -3.51
N ALA B 193 7.28 -6.02 -3.99
CA ALA B 193 7.92 -7.25 -3.53
C ALA B 193 9.41 -7.27 -3.90
N LEU B 194 9.74 -6.85 -5.12
CA LEU B 194 11.12 -6.83 -5.56
C LEU B 194 11.92 -5.82 -4.75
N ALA B 195 11.33 -4.67 -4.47
CA ALA B 195 12.01 -3.65 -3.66
C ALA B 195 12.29 -4.16 -2.25
N THR B 196 11.30 -4.79 -1.63
CA THR B 196 11.45 -5.20 -0.25
C THR B 196 12.22 -6.51 -0.05
N HIS B 197 12.12 -7.43 -1.01
CA HIS B 197 12.62 -8.78 -0.83
C HIS B 197 13.82 -9.10 -1.71
N GLY B 198 13.99 -8.36 -2.81
CA GLY B 198 14.95 -8.73 -3.82
C GLY B 198 14.50 -10.00 -4.53
N VAL B 199 15.36 -10.53 -5.39
CA VAL B 199 15.05 -11.73 -6.17
C VAL B 199 16.33 -12.50 -6.48
N THR B 200 16.18 -13.81 -6.53
CA THR B 200 17.25 -14.68 -7.00
C THR B 200 16.69 -15.55 -8.11
N VAL B 201 17.52 -15.81 -9.13
CA VAL B 201 17.12 -16.64 -10.26
C VAL B 201 18.05 -17.83 -10.37
N VAL B 202 17.46 -19.02 -10.28
CA VAL B 202 18.12 -20.30 -10.48
C VAL B 202 17.41 -21.03 -11.62
N GLY B 203 18.18 -21.39 -12.65
CA GLY B 203 17.61 -21.93 -13.89
C GLY B 203 16.89 -20.79 -14.56
N ARG B 204 15.56 -20.91 -14.64
CA ARG B 204 14.71 -19.82 -15.11
C ARG B 204 13.65 -19.45 -14.07
N THR B 205 13.81 -19.96 -12.84
CA THR B 205 12.89 -19.69 -11.74
C THR B 205 13.34 -18.56 -10.86
N ALA B 206 12.51 -17.52 -10.82
CA ALA B 206 12.78 -16.38 -9.97
C ALA B 206 12.03 -16.55 -8.65
N THR B 207 12.75 -16.37 -7.55
CA THR B 207 12.16 -16.45 -6.23
C THR B 207 12.42 -15.16 -5.48
N MET B 208 11.35 -14.53 -4.99
CA MET B 208 11.47 -13.37 -4.12
C MET B 208 12.17 -13.78 -2.81
N GLY B 209 13.01 -12.90 -2.28
CA GLY B 209 13.73 -13.18 -1.04
C GLY B 209 12.85 -13.10 0.19
N ARG B 210 13.48 -13.21 1.35
CA ARG B 210 12.80 -13.21 2.65
C ARG B 210 12.21 -11.83 2.99
MG MG C . -9.21 9.90 18.33
I IOD D . 7.26 19.16 9.85
I IOD E . -12.84 3.58 10.47
I IOD F . -3.42 16.59 1.41
I IOD G . 19.86 -12.65 9.23
I IOD H . -30.35 5.03 23.13
C1 BME I . 2.57 21.46 19.95
C1 BME I . 2.74 20.37 19.37
C2 BME I . 2.66 20.87 18.57
C2 BME I . 2.27 21.76 19.05
O1 BME I . 3.12 20.44 20.72
O1 BME I . 3.17 20.44 20.69
S2 BME I . 1.40 21.68 17.58
S2 BME I . 1.39 21.67 17.50
I IOD J . -10.00 -16.83 -12.74
I IOD K . 3.54 3.07 -18.94
I IOD L . 3.81 -10.16 -6.27
I IOD M . -0.07 8.44 -26.78
#